data_6QH9
#
_entry.id   6QH9
#
_cell.length_a   58.590
_cell.length_b   46.320
_cell.length_c   91.930
_cell.angle_alpha   90.00
_cell.angle_beta   94.06
_cell.angle_gamma   90.00
#
_symmetry.space_group_name_H-M   'P 1 21 1'
#
loop_
_entity.id
_entity.type
_entity.pdbx_description
1 polymer Kallikrein-6
2 non-polymer 'UNKNOWN ATOM OR ION'
3 non-polymer (3~{S})-~{N}-(4-carbamimidoylphenyl)-2-oxidanylidene-piperidine-3-carboxamide
4 non-polymer (3~{R})-~{N}-(4-carbamimidoylphenyl)-2-oxidanylidene-piperidine-3-carboxamide
5 non-polymer GLYCEROL
6 water water
#
_entity_poly.entity_id   1
_entity_poly.type   'polypeptide(L)'
_entity_poly.pdbx_seq_one_letter_code
;LVHGGPCDKTSHPYQAALYTSGHLLCGGVLIHPLWVLTAAHCKKPNLQVFLGKHNLGQQESSQEQSSVVRAVIHPDYDAA
SHDQDIMLLRLARPAKLSELIQPLPLERDCSAQTTSCHILGWGKTADGDFPDTIQCAYIHLVSREECEHAYPGQITQNML
CAGDEKYGKDSCQGDSGGPLVCGDHLRGLVSWGNIPCGSKEKPGVYTNVCRYTNWIQKTIQAK
;
_entity_poly.pdbx_strand_id   A,B
#
loop_
_chem_comp.id
_chem_comp.type
_chem_comp.name
_chem_comp.formula
GOL non-polymer GLYCEROL 'C3 H8 O3'
J2N non-polymer (3~{S})-~{N}-(4-carbamimidoylphenyl)-2-oxidanylidene-piperidine-3-carboxamide 'C13 H16 N4 O2'
J3B non-polymer (3~{R})-~{N}-(4-carbamimidoylphenyl)-2-oxidanylidene-piperidine-3-carboxamide 'C13 H16 N4 O2'
UNX non-polymer 'UNKNOWN ATOM OR ION' ?
#
# COMPACT_ATOMS: atom_id res chain seq x y z
N LEU A 1 15.49 1.13 0.85
CA LEU A 1 16.91 1.43 0.80
C LEU A 1 17.58 0.88 2.05
N VAL A 2 18.60 0.02 1.85
CA VAL A 2 19.36 -0.55 2.97
C VAL A 2 20.66 0.21 3.23
N HIS A 3 21.00 0.38 4.53
CA HIS A 3 22.22 0.96 5.10
C HIS A 3 22.35 2.46 4.83
N GLY A 4 21.23 3.15 4.72
CA GLY A 4 21.24 4.60 4.54
C GLY A 4 20.75 5.36 5.76
N GLY A 5 20.28 6.58 5.51
CA GLY A 5 19.80 7.48 6.55
C GLY A 5 18.76 8.43 6.01
N PRO A 6 17.92 9.02 6.88
CA PRO A 6 16.90 9.97 6.38
C PRO A 6 17.50 11.16 5.60
N CYS A 7 16.83 11.58 4.52
CA CYS A 7 17.33 12.70 3.72
C CYS A 7 17.05 14.02 4.39
N ASP A 8 17.74 15.07 3.90
CA ASP A 8 17.51 16.45 4.26
C ASP A 8 16.15 16.78 3.57
N LYS A 9 15.29 17.50 4.28
CA LYS A 9 13.95 17.87 3.84
C LYS A 9 13.86 18.57 2.49
N THR A 10 14.85 19.40 2.14
CA THR A 10 14.86 20.23 0.94
C THR A 10 15.72 19.69 -0.23
N SER A 11 16.30 18.52 -0.06
CA SER A 11 17.22 17.93 -1.04
C SER A 11 16.57 16.98 -2.08
N HIS A 12 15.27 16.68 -1.97
CA HIS A 12 14.63 15.75 -2.94
C HIS A 12 13.34 16.30 -3.64
N PRO A 13 13.30 17.55 -4.17
CA PRO A 13 12.04 18.06 -4.79
C PRO A 13 11.47 17.30 -6.01
N TYR A 14 12.29 16.47 -6.68
CA TYR A 14 11.94 15.66 -7.86
C TYR A 14 11.32 14.28 -7.54
N GLN A 15 11.34 13.87 -6.26
CA GLN A 15 10.84 12.55 -5.85
C GLN A 15 9.33 12.39 -5.90
N ALA A 16 8.86 11.31 -6.51
CA ALA A 16 7.44 10.96 -6.54
C ALA A 16 7.25 9.61 -5.84
N ALA A 17 6.12 9.45 -5.16
CA ALA A 17 5.66 8.20 -4.54
C ALA A 17 4.46 7.75 -5.36
N LEU A 18 4.53 6.50 -5.84
CA LEU A 18 3.54 5.84 -6.67
C LEU A 18 2.75 4.82 -5.83
N TYR A 19 1.41 4.90 -5.90
CA TYR A 19 0.49 4.08 -5.12
C TYR A 19 -0.50 3.36 -6.03
N THR A 20 -0.95 2.16 -5.60
CA THR A 20 -1.98 1.32 -6.22
C THR A 20 -2.76 0.61 -5.08
N SER A 21 -4.12 0.64 -5.15
CA SER A 21 -5.03 0.07 -4.14
C SER A 21 -4.85 0.66 -2.71
N GLY A 22 -4.32 1.87 -2.62
CA GLY A 22 -4.11 2.59 -1.36
C GLY A 22 -2.80 2.32 -0.67
N HIS A 23 -1.90 1.58 -1.33
CA HIS A 23 -0.61 1.19 -0.77
C HIS A 23 0.55 1.63 -1.66
N LEU A 24 1.67 2.03 -1.02
CA LEU A 24 2.91 2.43 -1.69
C LEU A 24 3.41 1.28 -2.56
N LEU A 25 3.64 1.55 -3.85
CA LEU A 25 4.14 0.58 -4.82
C LEU A 25 5.60 0.84 -5.28
N CYS A 26 5.89 2.05 -5.79
CA CYS A 26 7.16 2.41 -6.40
C CYS A 26 7.56 3.84 -6.09
N GLY A 27 8.75 4.17 -6.57
CA GLY A 27 9.32 5.49 -6.65
C GLY A 27 9.13 5.96 -8.08
N GLY A 28 9.46 7.23 -8.31
CA GLY A 28 9.32 7.90 -9.60
C GLY A 28 10.12 9.18 -9.58
N VAL A 29 10.26 9.85 -10.74
CA VAL A 29 11.00 11.12 -10.87
C VAL A 29 10.22 12.13 -11.69
N LEU A 30 10.07 13.36 -11.19
CA LEU A 30 9.43 14.42 -11.94
C LEU A 30 10.51 15.01 -12.89
N ILE A 31 10.25 14.89 -14.21
CA ILE A 31 11.13 15.37 -15.27
C ILE A 31 10.51 16.53 -16.09
N HIS A 32 9.23 16.88 -15.83
CA HIS A 32 8.45 17.93 -16.52
C HIS A 32 7.17 18.15 -15.70
N PRO A 33 6.57 19.37 -15.56
CA PRO A 33 5.32 19.51 -14.78
C PRO A 33 4.18 18.55 -15.15
N LEU A 34 4.20 17.94 -16.34
CA LEU A 34 3.17 17.00 -16.75
C LEU A 34 3.63 15.55 -16.76
N TRP A 35 4.93 15.29 -16.51
CA TRP A 35 5.45 13.93 -16.67
C TRP A 35 6.37 13.42 -15.57
N VAL A 36 6.14 12.15 -15.18
CA VAL A 36 6.93 11.43 -14.18
C VAL A 36 7.56 10.20 -14.87
N LEU A 37 8.85 9.99 -14.64
CA LEU A 37 9.60 8.86 -15.16
C LEU A 37 9.72 7.80 -14.06
N THR A 38 9.42 6.53 -14.38
CA THR A 38 9.47 5.38 -13.47
C THR A 38 9.93 4.08 -14.23
N ALA A 39 9.83 2.91 -13.59
CA ALA A 39 10.19 1.64 -14.20
C ALA A 39 8.93 1.02 -14.83
N ALA A 40 9.09 0.32 -15.99
CA ALA A 40 8.00 -0.33 -16.70
C ALA A 40 7.32 -1.44 -15.87
N HIS A 41 8.08 -2.10 -14.94
CA HIS A 41 7.48 -3.14 -14.08
C HIS A 41 6.61 -2.54 -12.98
N CYS A 42 6.59 -1.19 -12.85
CA CYS A 42 5.73 -0.46 -11.90
C CYS A 42 4.31 -0.26 -12.46
N LYS A 43 4.03 -0.73 -13.69
CA LYS A 43 2.70 -0.66 -14.33
C LYS A 43 1.63 -1.46 -13.56
N LYS A 44 0.80 -0.74 -12.78
CA LYS A 44 -0.32 -1.30 -12.02
C LYS A 44 -1.61 -0.50 -12.27
N PRO A 45 -2.82 -1.04 -11.94
CA PRO A 45 -4.06 -0.29 -12.22
C PRO A 45 -4.24 0.99 -11.39
N ASN A 46 -4.86 2.01 -12.05
CA ASN A 46 -5.25 3.32 -11.51
C ASN A 46 -4.20 4.00 -10.62
N LEU A 47 -2.98 4.18 -11.15
CA LEU A 47 -1.83 4.72 -10.42
C LEU A 47 -2.02 6.15 -9.87
N GLN A 48 -1.65 6.34 -8.59
CA GLN A 48 -1.75 7.61 -7.89
C GLN A 48 -0.34 8.11 -7.62
N VAL A 49 -0.06 9.34 -8.07
CA VAL A 49 1.22 10.01 -7.91
C VAL A 49 1.14 11.11 -6.85
N PHE A 50 2.05 11.05 -5.89
CA PHE A 50 2.16 12.05 -4.84
C PHE A 50 3.52 12.74 -4.94
N LEU A 51 3.49 14.07 -5.09
CA LEU A 51 4.67 14.94 -5.12
C LEU A 51 4.79 15.72 -3.83
N GLY A 52 5.99 16.22 -3.53
CA GLY A 52 6.26 17.00 -2.32
C GLY A 52 6.14 16.29 -0.98
N LYS A 53 6.32 14.97 -0.96
CA LYS A 53 6.28 14.15 0.26
C LYS A 53 7.68 13.99 0.83
N HIS A 54 7.77 13.79 2.17
CA HIS A 54 8.97 13.53 2.95
C HIS A 54 8.68 12.36 3.90
N ASN A 55 7.60 12.48 4.72
CA ASN A 55 7.12 11.47 5.66
C ASN A 55 5.76 10.95 5.13
N LEU A 56 5.73 9.66 4.74
CA LEU A 56 4.55 9.00 4.17
C LEU A 56 3.36 8.89 5.09
N GLY A 57 3.63 8.68 6.38
CA GLY A 57 2.59 8.52 7.40
C GLY A 57 1.83 9.78 7.74
N GLN A 58 2.43 10.96 7.48
CA GLN A 58 1.84 12.26 7.80
C GLN A 58 1.31 13.00 6.58
N GLN A 59 0.27 13.82 6.80
CA GLN A 59 -0.29 14.75 5.83
C GLN A 59 0.59 15.99 5.95
N GLU A 60 1.07 16.52 4.82
CA GLU A 60 2.00 17.65 4.73
C GLU A 60 1.43 18.74 3.83
N SER A 61 1.65 20.01 4.20
CA SER A 61 1.14 21.17 3.48
C SER A 61 1.70 21.29 2.08
N SER A 62 2.91 20.72 1.87
CA SER A 62 3.64 20.75 0.61
C SER A 62 3.20 19.73 -0.43
N GLN A 63 2.54 18.64 0.00
CA GLN A 63 2.18 17.54 -0.88
C GLN A 63 1.08 17.87 -1.89
N GLU A 64 1.22 17.27 -3.10
CA GLU A 64 0.25 17.34 -4.21
C GLU A 64 -0.02 15.90 -4.69
N GLN A 65 -1.28 15.62 -5.02
CA GLN A 65 -1.75 14.32 -5.51
C GLN A 65 -2.37 14.42 -6.90
N SER A 66 -2.01 13.48 -7.78
CA SER A 66 -2.62 13.43 -9.10
C SER A 66 -2.75 11.99 -9.58
N SER A 67 -3.79 11.74 -10.38
CA SER A 67 -3.95 10.43 -10.99
C SER A 67 -3.22 10.46 -12.34
N VAL A 68 -3.02 9.29 -12.96
CA VAL A 68 -2.34 9.15 -14.25
C VAL A 68 -3.39 9.04 -15.40
N VAL A 69 -3.23 9.86 -16.47
CA VAL A 69 -4.16 9.86 -17.62
C VAL A 69 -3.63 9.06 -18.80
N ARG A 70 -2.31 8.80 -18.81
CA ARG A 70 -1.65 8.03 -19.85
C ARG A 70 -0.39 7.40 -19.30
N ALA A 71 -0.24 6.08 -19.53
CA ALA A 71 0.93 5.31 -19.14
C ALA A 71 1.59 4.83 -20.44
N VAL A 72 2.82 5.31 -20.71
CA VAL A 72 3.60 5.00 -21.91
C VAL A 72 4.82 4.09 -21.59
N ILE A 73 4.74 2.77 -21.86
CA ILE A 73 5.87 1.84 -21.65
C ILE A 73 6.75 1.82 -22.95
N HIS A 74 8.09 1.71 -22.83
CA HIS A 74 9.00 1.64 -23.99
C HIS A 74 8.60 0.46 -24.88
N PRO A 75 8.55 0.62 -26.22
CA PRO A 75 8.11 -0.49 -27.11
C PRO A 75 8.97 -1.76 -27.02
N ASP A 76 10.23 -1.61 -26.61
CA ASP A 76 11.16 -2.73 -26.53
C ASP A 76 11.35 -3.31 -25.13
N TYR A 77 10.49 -2.92 -24.15
CA TYR A 77 10.57 -3.49 -22.79
C TYR A 77 10.36 -5.03 -22.80
N ASP A 78 11.31 -5.78 -22.21
CA ASP A 78 11.26 -7.24 -22.07
C ASP A 78 11.21 -7.53 -20.56
N ALA A 79 10.02 -7.89 -20.04
CA ALA A 79 9.77 -8.14 -18.61
C ALA A 79 10.67 -9.19 -17.96
N ALA A 80 10.94 -10.31 -18.65
CA ALA A 80 11.75 -11.42 -18.11
C ALA A 80 13.24 -11.07 -17.88
N SER A 81 13.85 -10.32 -18.79
CA SER A 81 15.25 -9.93 -18.71
C SER A 81 15.44 -8.53 -18.09
N HIS A 82 14.33 -7.79 -17.84
CA HIS A 82 14.30 -6.42 -17.31
C HIS A 82 14.91 -5.41 -18.29
N ASP A 83 15.14 -5.79 -19.56
CA ASP A 83 15.75 -4.89 -20.55
C ASP A 83 14.76 -3.82 -21.02
N GLN A 84 15.26 -2.56 -21.10
CA GLN A 84 14.55 -1.33 -21.53
C GLN A 84 13.41 -1.00 -20.55
N ASP A 85 13.72 -1.13 -19.22
CA ASP A 85 12.77 -0.97 -18.12
C ASP A 85 12.50 0.51 -17.78
N ILE A 86 11.65 1.14 -18.62
CA ILE A 86 11.35 2.55 -18.54
C ILE A 86 9.88 2.85 -18.95
N MET A 87 9.21 3.76 -18.21
CA MET A 87 7.82 4.13 -18.47
C MET A 87 7.55 5.61 -18.15
N LEU A 88 6.77 6.28 -19.01
CA LEU A 88 6.40 7.67 -18.84
C LEU A 88 4.96 7.81 -18.35
N LEU A 89 4.73 8.66 -17.32
CA LEU A 89 3.41 8.87 -16.74
C LEU A 89 2.89 10.29 -16.91
N ARG A 90 1.78 10.45 -17.64
CA ARG A 90 1.13 11.76 -17.82
C ARG A 90 0.17 12.02 -16.68
N LEU A 91 0.41 13.14 -15.98
CA LEU A 91 -0.36 13.61 -14.84
C LEU A 91 -1.69 14.25 -15.28
N ALA A 92 -2.77 14.01 -14.53
CA ALA A 92 -4.10 14.54 -14.85
C ALA A 92 -4.11 16.05 -14.58
N ARG A 93 -3.33 16.43 -13.55
CA ARG A 93 -3.13 17.79 -13.07
C ARG A 93 -1.60 18.09 -13.12
N PRO A 94 -1.15 19.07 -13.94
CA PRO A 94 0.30 19.40 -13.94
C PRO A 94 0.74 19.90 -12.57
N ALA A 95 1.97 19.52 -12.16
CA ALA A 95 2.58 19.86 -10.88
C ALA A 95 2.67 21.35 -10.61
N LYS A 96 2.21 21.76 -9.39
CA LYS A 96 2.33 23.15 -8.96
C LYS A 96 3.70 23.21 -8.28
N LEU A 97 4.66 23.81 -8.98
CA LEU A 97 6.04 23.91 -8.50
C LEU A 97 6.19 24.79 -7.27
N SER A 98 7.09 24.38 -6.38
CA SER A 98 7.39 25.09 -5.14
C SER A 98 8.86 24.81 -4.75
N GLU A 99 9.26 25.08 -3.51
CA GLU A 99 10.63 24.74 -3.10
C GLU A 99 10.78 23.22 -2.99
N LEU A 100 9.66 22.54 -2.66
CA LEU A 100 9.61 21.11 -2.41
C LEU A 100 9.07 20.26 -3.58
N ILE A 101 8.73 20.89 -4.73
CA ILE A 101 8.29 20.26 -5.98
C ILE A 101 8.98 20.96 -7.15
N GLN A 102 9.95 20.28 -7.79
CA GLN A 102 10.73 20.76 -8.93
C GLN A 102 11.13 19.58 -9.81
N PRO A 103 11.24 19.79 -11.15
CA PRO A 103 11.73 18.71 -12.00
C PRO A 103 13.25 18.55 -11.93
N LEU A 104 13.76 17.36 -12.27
CA LEU A 104 15.19 17.10 -12.30
C LEU A 104 15.69 16.95 -13.77
N PRO A 105 16.71 17.72 -14.22
CA PRO A 105 17.22 17.51 -15.60
C PRO A 105 17.87 16.13 -15.81
N LEU A 106 17.73 15.60 -17.03
CA LEU A 106 18.28 14.30 -17.41
C LEU A 106 19.72 14.39 -17.83
N GLU A 107 20.46 13.29 -17.70
CA GLU A 107 21.81 13.14 -18.23
C GLU A 107 21.61 12.69 -19.71
N ARG A 108 22.21 13.44 -20.63
CA ARG A 108 22.13 13.21 -22.08
C ARG A 108 23.38 12.48 -22.63
N ASP A 109 24.51 12.63 -21.93
CA ASP A 109 25.81 12.08 -22.32
C ASP A 109 26.13 10.76 -21.61
N CYS A 110 26.17 9.67 -22.40
CA CYS A 110 26.48 8.32 -21.90
C CYS A 110 27.95 8.16 -21.44
N SER A 111 28.84 9.01 -21.97
CA SER A 111 30.27 9.05 -21.61
C SER A 111 30.54 10.18 -20.61
N ALA A 112 29.53 10.54 -19.79
CA ALA A 112 29.62 11.59 -18.77
C ALA A 112 30.68 11.24 -17.73
N GLN A 113 31.48 12.25 -17.33
CA GLN A 113 32.56 12.05 -16.38
C GLN A 113 32.05 11.87 -14.94
N THR A 114 32.90 11.24 -14.13
CA THR A 114 32.70 10.88 -12.72
C THR A 114 32.17 12.05 -11.84
N THR A 115 31.01 11.80 -11.21
CA THR A 115 30.36 12.69 -10.26
C THR A 115 29.96 11.91 -8.99
N SER A 116 29.50 12.62 -7.95
CA SER A 116 29.05 11.98 -6.72
C SER A 116 27.59 11.51 -6.94
N CYS A 117 27.34 10.20 -6.74
CA CYS A 117 26.00 9.63 -6.93
C CYS A 117 25.29 9.35 -5.62
N HIS A 118 23.96 9.43 -5.64
CA HIS A 118 23.11 9.08 -4.51
C HIS A 118 21.80 8.42 -4.99
N ILE A 119 21.24 7.59 -4.14
CA ILE A 119 19.95 6.95 -4.32
C ILE A 119 19.02 7.41 -3.17
N LEU A 120 17.71 7.32 -3.41
CA LEU A 120 16.69 7.74 -2.45
C LEU A 120 15.39 6.96 -2.62
N GLY A 121 14.65 6.79 -1.54
CA GLY A 121 13.36 6.11 -1.62
C GLY A 121 12.75 5.69 -0.31
N TRP A 122 11.51 5.19 -0.39
CA TRP A 122 10.70 4.69 0.73
C TRP A 122 10.67 3.16 0.78
N GLY A 123 11.59 2.50 0.06
CA GLY A 123 11.70 1.04 0.06
C GLY A 123 12.11 0.44 1.39
N LYS A 124 12.07 -0.90 1.49
CA LYS A 124 12.41 -1.67 2.70
C LYS A 124 13.84 -1.30 3.24
N THR A 125 13.97 -1.06 4.57
CA THR A 125 15.25 -0.72 5.23
C THR A 125 16.07 -1.97 5.64
N ALA A 126 17.18 -1.80 6.39
CA ALA A 126 18.03 -2.90 6.86
C ALA A 126 17.28 -3.86 7.79
N ASP A 127 16.44 -3.32 8.70
CA ASP A 127 15.64 -4.07 9.67
C ASP A 127 14.51 -4.90 9.04
N GLY A 128 14.26 -4.69 7.74
CA GLY A 128 13.22 -5.39 6.99
C GLY A 128 11.86 -4.71 7.02
N ASP A 129 11.81 -3.46 7.54
CA ASP A 129 10.58 -2.69 7.64
C ASP A 129 10.57 -1.46 6.70
N PHE A 130 9.35 -0.96 6.38
CA PHE A 130 9.12 0.20 5.53
C PHE A 130 9.21 1.49 6.33
N PRO A 131 10.07 2.45 5.92
CA PRO A 131 10.20 3.69 6.69
C PRO A 131 9.11 4.73 6.37
N ASP A 132 8.86 5.66 7.30
CA ASP A 132 7.91 6.75 7.09
C ASP A 132 8.67 7.83 6.38
N THR A 133 9.88 8.16 6.90
CA THR A 133 10.76 9.18 6.36
C THR A 133 11.60 8.59 5.24
N ILE A 134 11.69 9.32 4.12
CA ILE A 134 12.46 8.96 2.94
C ILE A 134 13.95 8.72 3.30
N GLN A 135 14.55 7.64 2.74
CA GLN A 135 15.97 7.26 2.97
C GLN A 135 16.88 7.70 1.81
N CYS A 136 18.17 7.98 2.14
CA CYS A 136 19.24 8.44 1.25
C CYS A 136 20.57 7.71 1.51
N ALA A 137 21.41 7.57 0.47
CA ALA A 137 22.71 6.93 0.55
C ALA A 137 23.55 7.35 -0.63
N TYR A 138 24.86 7.51 -0.41
CA TYR A 138 25.80 7.78 -1.51
C TYR A 138 26.30 6.42 -1.98
N ILE A 139 26.40 6.24 -3.29
CA ILE A 139 26.89 5.02 -3.93
C ILE A 139 27.75 5.43 -5.09
N HIS A 140 28.50 4.46 -5.64
CA HIS A 140 29.38 4.71 -6.77
C HIS A 140 29.01 3.76 -7.89
N LEU A 141 29.15 4.23 -9.13
CA LEU A 141 28.96 3.44 -10.34
C LEU A 141 30.04 2.36 -10.37
N VAL A 142 29.65 1.12 -10.72
CA VAL A 142 30.50 -0.07 -10.81
C VAL A 142 30.81 -0.31 -12.30
N SER A 143 32.09 -0.54 -12.66
CA SER A 143 32.54 -0.79 -14.04
C SER A 143 31.70 -1.90 -14.70
N ARG A 144 31.50 -1.79 -16.03
CA ARG A 144 30.71 -2.75 -16.80
C ARG A 144 31.23 -4.19 -16.70
N GLU A 145 32.59 -4.36 -16.75
CA GLU A 145 33.26 -5.67 -16.65
C GLU A 145 32.98 -6.32 -15.32
N GLU A 146 33.11 -5.54 -14.22
CA GLU A 146 32.86 -5.94 -12.83
C GLU A 146 31.41 -6.36 -12.67
N CYS A 147 30.47 -5.66 -13.37
CA CYS A 147 29.05 -6.00 -13.29
C CYS A 147 28.69 -7.28 -14.07
N GLU A 148 29.27 -7.48 -15.28
CA GLU A 148 29.07 -8.68 -16.11
C GLU A 148 29.60 -9.95 -15.41
N HIS A 149 30.58 -9.81 -14.50
CA HIS A 149 31.11 -10.94 -13.72
C HIS A 149 30.18 -11.30 -12.57
N ALA A 150 29.43 -10.30 -12.05
CA ALA A 150 28.44 -10.47 -10.98
C ALA A 150 27.15 -11.11 -11.52
N TYR A 151 26.70 -10.67 -12.72
CA TYR A 151 25.47 -11.18 -13.34
C TYR A 151 25.78 -11.67 -14.77
N PRO A 152 26.45 -12.86 -14.92
CA PRO A 152 26.85 -13.33 -16.26
C PRO A 152 25.73 -13.38 -17.30
N GLY A 153 25.95 -12.66 -18.41
CA GLY A 153 25.04 -12.54 -19.54
C GLY A 153 23.66 -11.95 -19.27
N GLN A 154 23.54 -11.10 -18.22
CA GLN A 154 22.26 -10.49 -17.81
C GLN A 154 22.28 -8.98 -17.99
N ILE A 155 23.49 -8.40 -18.18
CA ILE A 155 23.75 -6.96 -18.30
C ILE A 155 23.80 -6.51 -19.76
N THR A 156 22.90 -5.58 -20.14
CA THR A 156 22.87 -5.03 -21.49
C THR A 156 23.38 -3.58 -21.42
N GLN A 157 23.54 -2.92 -22.58
CA GLN A 157 23.98 -1.52 -22.71
C GLN A 157 22.91 -0.56 -22.12
N ASN A 158 21.66 -1.00 -22.02
CA ASN A 158 20.52 -0.23 -21.46
C ASN A 158 20.47 -0.28 -19.92
N MET A 159 21.51 -0.87 -19.30
CA MET A 159 21.60 -0.96 -17.85
C MET A 159 22.93 -0.35 -17.34
N LEU A 160 22.90 0.20 -16.12
CA LEU A 160 24.05 0.72 -15.37
C LEU A 160 24.09 0.01 -14.02
N CYS A 161 25.28 -0.22 -13.47
CA CYS A 161 25.50 -0.81 -12.16
C CYS A 161 26.15 0.16 -11.19
N ALA A 162 25.71 0.10 -9.95
CA ALA A 162 26.15 0.99 -8.90
C ALA A 162 26.05 0.29 -7.55
N GLY A 163 26.93 0.65 -6.62
CA GLY A 163 26.97 0.04 -5.29
C GLY A 163 27.98 0.66 -4.32
N ASP A 164 28.01 0.14 -3.09
CA ASP A 164 28.87 0.61 -2.01
C ASP A 164 29.67 -0.56 -1.41
N GLU A 165 30.98 -0.59 -1.69
CA GLU A 165 31.91 -1.63 -1.23
C GLU A 165 32.06 -1.74 0.32
N LYS A 166 31.99 -0.62 1.06
CA LYS A 166 32.16 -0.60 2.52
C LYS A 166 30.99 -1.18 3.30
N TYR A 167 29.75 -0.67 3.10
CA TYR A 167 28.60 -1.14 3.87
C TYR A 167 27.56 -1.95 3.08
N GLY A 168 27.62 -1.89 1.74
CA GLY A 168 26.66 -2.56 0.86
C GLY A 168 25.36 -1.80 0.73
N LYS A 169 25.42 -0.44 0.80
CA LYS A 169 24.25 0.46 0.66
C LYS A 169 23.60 0.15 -0.68
N ASP A 170 22.29 -0.09 -0.66
CA ASP A 170 21.62 -0.54 -1.89
C ASP A 170 20.15 -0.19 -1.90
N SER A 171 19.55 -0.10 -3.09
N SER A 171 19.55 -0.15 -3.10
CA SER A 171 18.11 0.12 -3.20
CA SER A 171 18.11 0.06 -3.31
C SER A 171 17.41 -1.23 -2.92
C SER A 171 17.42 -1.26 -2.93
N CYS A 172 16.12 -1.21 -2.58
CA CYS A 172 15.39 -2.42 -2.19
C CYS A 172 13.93 -2.42 -2.65
N GLN A 173 13.12 -3.36 -2.13
CA GLN A 173 11.70 -3.53 -2.43
C GLN A 173 10.92 -2.29 -2.03
N GLY A 174 10.31 -1.64 -3.03
CA GLY A 174 9.57 -0.39 -2.87
C GLY A 174 10.33 0.81 -3.41
N ASP A 175 11.60 0.60 -3.83
CA ASP A 175 12.40 1.69 -4.39
C ASP A 175 12.33 1.74 -5.91
N SER A 176 11.90 0.63 -6.58
CA SER A 176 11.82 0.59 -8.06
C SER A 176 11.21 1.86 -8.66
N GLY A 177 11.82 2.37 -9.72
CA GLY A 177 11.35 3.60 -10.36
C GLY A 177 12.03 4.87 -9.87
N GLY A 178 12.65 4.80 -8.70
CA GLY A 178 13.32 5.91 -8.05
C GLY A 178 14.55 6.38 -8.80
N PRO A 179 15.13 7.54 -8.44
CA PRO A 179 16.30 8.05 -9.19
C PRO A 179 17.70 7.67 -8.70
N LEU A 180 18.65 7.56 -9.64
CA LEU A 180 20.07 7.43 -9.36
C LEU A 180 20.57 8.81 -9.81
N VAL A 181 20.91 9.68 -8.83
CA VAL A 181 21.31 11.08 -9.11
C VAL A 181 22.84 11.27 -9.05
N CYS A 182 23.45 11.59 -10.19
CA CYS A 182 24.89 11.83 -10.32
C CYS A 182 25.09 13.26 -10.85
N GLY A 183 25.71 14.12 -10.04
CA GLY A 183 26.00 15.51 -10.40
C GLY A 183 24.76 16.34 -10.73
N ASP A 184 23.73 16.26 -9.86
CA ASP A 184 22.45 16.99 -9.97
C ASP A 184 21.66 16.68 -11.27
N HIS A 185 21.96 15.54 -11.90
CA HIS A 185 21.32 15.08 -13.12
C HIS A 185 20.82 13.66 -12.94
N LEU A 186 19.66 13.32 -13.56
CA LEU A 186 19.11 11.96 -13.55
C LEU A 186 20.00 11.04 -14.39
N ARG A 187 20.67 10.07 -13.74
CA ARG A 187 21.56 9.14 -14.42
C ARG A 187 20.91 7.76 -14.62
N GLY A 188 20.03 7.36 -13.70
CA GLY A 188 19.39 6.05 -13.79
C GLY A 188 18.10 5.90 -13.00
N LEU A 189 17.42 4.74 -13.22
CA LEU A 189 16.19 4.39 -12.52
C LEU A 189 16.37 3.04 -11.84
N VAL A 190 15.85 2.87 -10.60
CA VAL A 190 15.91 1.61 -9.89
C VAL A 190 15.19 0.51 -10.71
N SER A 191 15.96 -0.50 -11.15
CA SER A 191 15.38 -1.56 -11.97
C SER A 191 15.36 -2.90 -11.26
N TRP A 192 16.53 -3.47 -10.89
CA TRP A 192 16.59 -4.77 -10.21
C TRP A 192 17.92 -4.95 -9.45
N GLY A 193 18.07 -6.08 -8.79
CA GLY A 193 19.26 -6.36 -8.01
C GLY A 193 19.18 -7.57 -7.11
N ASN A 194 20.17 -7.71 -6.24
CA ASN A 194 20.26 -8.84 -5.32
C ASN A 194 19.17 -8.80 -4.23
N ILE A 195 18.55 -9.97 -3.99
CA ILE A 195 17.55 -10.18 -2.93
C ILE A 195 18.03 -11.39 -2.08
N PRO A 196 18.37 -11.21 -0.79
CA PRO A 196 18.30 -9.99 0.05
C PRO A 196 19.19 -8.85 -0.43
N CYS A 197 18.73 -7.61 -0.21
CA CYS A 197 19.36 -6.37 -0.64
C CYS A 197 20.72 -6.11 0.06
N GLY A 198 21.73 -5.74 -0.74
CA GLY A 198 23.11 -5.51 -0.35
C GLY A 198 23.99 -5.50 -1.57
N SER A 199 24.85 -4.45 -1.70
CA SER A 199 25.64 -4.22 -2.89
C SER A 199 27.16 -4.47 -2.80
N LYS A 200 27.67 -5.04 -1.70
CA LYS A 200 29.12 -5.29 -1.56
C LYS A 200 29.70 -6.10 -2.73
N GLU A 201 29.00 -7.16 -3.21
CA GLU A 201 29.53 -7.98 -4.30
C GLU A 201 28.70 -7.96 -5.57
N LYS A 202 27.37 -7.88 -5.40
CA LYS A 202 26.43 -7.82 -6.50
C LYS A 202 25.76 -6.45 -6.47
N PRO A 203 26.22 -5.51 -7.32
CA PRO A 203 25.63 -4.16 -7.28
C PRO A 203 24.18 -4.12 -7.76
N GLY A 204 23.57 -2.97 -7.53
CA GLY A 204 22.20 -2.74 -7.98
C GLY A 204 22.22 -2.44 -9.46
N VAL A 205 21.16 -2.87 -10.16
CA VAL A 205 21.05 -2.64 -11.59
C VAL A 205 19.98 -1.57 -11.82
N TYR A 206 20.32 -0.59 -12.64
CA TYR A 206 19.52 0.59 -12.92
C TYR A 206 19.34 0.75 -14.41
N THR A 207 18.20 1.36 -14.84
CA THR A 207 17.97 1.69 -16.25
C THR A 207 18.90 2.86 -16.59
N ASN A 208 19.63 2.78 -17.73
CA ASN A 208 20.58 3.76 -18.24
C ASN A 208 19.82 4.87 -19.00
N VAL A 209 19.32 5.89 -18.26
CA VAL A 209 18.49 7.03 -18.76
C VAL A 209 19.11 7.77 -20.01
N CYS A 210 20.46 7.88 -20.11
CA CYS A 210 21.11 8.55 -21.26
C CYS A 210 20.74 7.94 -22.62
N ARG A 211 20.35 6.65 -22.66
CA ARG A 211 19.95 5.96 -23.90
C ARG A 211 18.53 6.32 -24.40
N TYR A 212 17.69 6.93 -23.55
CA TYR A 212 16.27 7.15 -23.88
C TYR A 212 15.85 8.61 -24.08
N THR A 213 16.83 9.50 -24.29
CA THR A 213 16.63 10.94 -24.45
C THR A 213 15.68 11.28 -25.60
N ASN A 214 15.89 10.67 -26.79
CA ASN A 214 15.07 10.91 -27.98
C ASN A 214 13.68 10.34 -27.84
N TRP A 215 13.55 9.16 -27.19
CA TRP A 215 12.26 8.52 -26.95
C TRP A 215 11.46 9.36 -25.94
N ILE A 216 12.12 9.85 -24.88
CA ILE A 216 11.47 10.68 -23.86
C ILE A 216 10.93 11.97 -24.49
N GLN A 217 11.77 12.63 -25.29
CA GLN A 217 11.47 13.89 -25.97
C GLN A 217 10.32 13.71 -26.94
N LYS A 218 10.35 12.64 -27.78
CA LYS A 218 9.27 12.41 -28.74
C LYS A 218 7.93 12.09 -28.08
N THR A 219 7.94 11.41 -26.93
CA THR A 219 6.72 11.06 -26.21
C THR A 219 6.06 12.30 -25.60
N ILE A 220 6.86 13.18 -24.96
CA ILE A 220 6.37 14.40 -24.30
C ILE A 220 5.75 15.37 -25.31
N GLN A 221 6.39 15.55 -26.48
CA GLN A 221 5.91 16.47 -27.51
C GLN A 221 4.95 15.88 -28.54
N ALA A 222 4.64 14.55 -28.47
CA ALA A 222 3.76 13.80 -29.38
C ALA A 222 2.41 14.47 -29.64
N LEU B 1 -10.88 4.67 11.21
CA LEU B 1 -12.15 5.20 10.71
C LEU B 1 -12.11 6.74 10.79
N VAL B 2 -12.27 7.41 9.63
CA VAL B 2 -12.22 8.88 9.59
C VAL B 2 -13.62 9.50 9.57
N HIS B 3 -13.77 10.71 10.15
CA HIS B 3 -14.99 11.54 10.22
C HIS B 3 -16.17 10.86 10.97
N GLY B 4 -15.83 9.99 11.90
CA GLY B 4 -16.84 9.30 12.71
C GLY B 4 -16.82 9.81 14.13
N GLY B 5 -17.29 8.97 15.03
CA GLY B 5 -17.34 9.28 16.46
C GLY B 5 -17.28 8.05 17.31
N PRO B 6 -17.20 8.19 18.65
CA PRO B 6 -17.15 7.00 19.51
C PRO B 6 -18.47 6.23 19.48
N CYS B 7 -18.41 4.88 19.49
CA CYS B 7 -19.60 4.04 19.50
C CYS B 7 -20.26 4.07 20.88
N ASP B 8 -21.53 3.61 20.95
CA ASP B 8 -22.23 3.40 22.21
C ASP B 8 -21.60 2.11 22.73
N LYS B 9 -21.17 2.13 24.00
CA LYS B 9 -20.47 1.05 24.72
C LYS B 9 -21.11 -0.33 24.53
N THR B 10 -22.42 -0.37 24.24
CA THR B 10 -23.22 -1.58 24.11
C THR B 10 -23.54 -2.03 22.66
N SER B 11 -23.26 -1.19 21.65
CA SER B 11 -23.65 -1.46 20.26
C SER B 11 -22.67 -2.34 19.41
N HIS B 12 -21.61 -2.92 20.01
CA HIS B 12 -20.63 -3.70 19.22
C HIS B 12 -20.12 -5.02 19.89
N PRO B 13 -20.98 -5.91 20.39
CA PRO B 13 -20.46 -7.12 21.06
C PRO B 13 -19.71 -8.14 20.19
N TYR B 14 -19.76 -7.98 18.87
CA TYR B 14 -19.13 -8.87 17.88
C TYR B 14 -17.74 -8.43 17.50
N GLN B 15 -17.33 -7.20 17.85
CA GLN B 15 -16.02 -6.63 17.49
C GLN B 15 -14.84 -7.30 18.21
N ALA B 16 -13.80 -7.64 17.44
CA ALA B 16 -12.54 -8.21 17.92
C ALA B 16 -11.39 -7.26 17.53
N ALA B 17 -10.36 -7.16 18.36
CA ALA B 17 -9.17 -6.38 18.05
C ALA B 17 -8.02 -7.37 17.89
N LEU B 18 -7.30 -7.27 16.76
CA LEU B 18 -6.19 -8.16 16.46
C LEU B 18 -4.87 -7.49 16.73
N TYR B 19 -4.01 -8.20 17.49
CA TYR B 19 -2.71 -7.77 17.94
C TYR B 19 -1.59 -8.69 17.48
N THR B 20 -0.44 -8.09 17.15
CA THR B 20 0.80 -8.78 16.75
C THR B 20 1.99 -8.15 17.48
N SER B 21 2.75 -8.97 18.24
CA SER B 21 3.94 -8.58 19.03
C SER B 21 3.71 -7.32 19.91
N GLY B 22 2.48 -7.15 20.39
CA GLY B 22 2.07 -6.01 21.21
C GLY B 22 1.46 -4.83 20.46
N HIS B 23 1.40 -4.89 19.11
CA HIS B 23 0.87 -3.81 18.29
C HIS B 23 -0.47 -4.15 17.64
N LEU B 24 -1.40 -3.16 17.60
CA LEU B 24 -2.71 -3.25 16.95
C LEU B 24 -2.53 -3.41 15.43
N LEU B 25 -3.11 -4.46 14.86
CA LEU B 25 -2.97 -4.76 13.44
C LEU B 25 -4.25 -4.57 12.62
N CYS B 26 -5.34 -5.24 13.04
CA CYS B 26 -6.62 -5.32 12.34
C CYS B 26 -7.81 -5.40 13.31
N GLY B 27 -9.00 -5.28 12.75
CA GLY B 27 -10.27 -5.55 13.38
C GLY B 27 -10.63 -6.98 13.00
N GLY B 28 -11.81 -7.41 13.43
CA GLY B 28 -12.32 -8.76 13.18
C GLY B 28 -13.73 -8.86 13.72
N VAL B 29 -14.44 -9.97 13.39
CA VAL B 29 -15.85 -10.21 13.76
C VAL B 29 -15.97 -11.61 14.36
N LEU B 30 -16.61 -11.72 15.56
CA LEU B 30 -16.88 -13.02 16.17
C LEU B 30 -18.14 -13.52 15.48
N ILE B 31 -18.04 -14.70 14.89
CA ILE B 31 -19.16 -15.29 14.13
C ILE B 31 -19.63 -16.55 14.79
N HIS B 32 -18.79 -17.14 15.67
CA HIS B 32 -19.06 -18.38 16.39
C HIS B 32 -18.19 -18.40 17.66
N PRO B 33 -18.67 -18.96 18.82
CA PRO B 33 -17.83 -19.03 20.04
C PRO B 33 -16.34 -19.40 19.85
N LEU B 34 -15.99 -20.23 18.84
CA LEU B 34 -14.63 -20.64 18.53
C LEU B 34 -14.00 -19.95 17.28
N TRP B 35 -14.79 -19.17 16.52
CA TRP B 35 -14.30 -18.57 15.27
C TRP B 35 -14.49 -17.06 15.11
N VAL B 36 -13.41 -16.41 14.65
CA VAL B 36 -13.34 -14.98 14.34
C VAL B 36 -13.07 -14.81 12.82
N LEU B 37 -13.93 -14.04 12.14
CA LEU B 37 -13.78 -13.72 10.71
C LEU B 37 -12.97 -12.42 10.59
N THR B 38 -12.02 -12.36 9.63
CA THR B 38 -11.17 -11.19 9.37
C THR B 38 -10.73 -11.11 7.88
N ALA B 39 -9.85 -10.17 7.55
CA ALA B 39 -9.26 -10.01 6.21
C ALA B 39 -8.01 -10.90 6.12
N ALA B 40 -7.80 -11.56 4.96
CA ALA B 40 -6.64 -12.44 4.72
C ALA B 40 -5.30 -11.68 4.73
N HIS B 41 -5.30 -10.34 4.56
CA HIS B 41 -4.04 -9.60 4.59
C HIS B 41 -3.64 -9.16 6.02
N CYS B 42 -4.32 -9.72 7.02
CA CYS B 42 -4.03 -9.54 8.44
C CYS B 42 -3.22 -10.76 8.92
N LYS B 43 -2.87 -11.71 8.00
CA LYS B 43 -2.10 -12.91 8.34
C LYS B 43 -0.71 -12.55 8.85
N LYS B 44 -0.51 -12.81 10.16
CA LYS B 44 0.72 -12.57 10.90
C LYS B 44 0.89 -13.70 11.92
N PRO B 45 2.12 -14.16 12.22
CA PRO B 45 2.26 -15.21 13.24
C PRO B 45 2.07 -14.64 14.64
N ASN B 46 1.67 -15.51 15.58
CA ASN B 46 1.40 -15.19 16.99
C ASN B 46 0.32 -14.10 17.15
N LEU B 47 -0.85 -14.28 16.50
CA LEU B 47 -1.96 -13.34 16.60
C LEU B 47 -2.65 -13.48 17.94
N GLN B 48 -2.97 -12.33 18.57
CA GLN B 48 -3.71 -12.25 19.82
C GLN B 48 -5.04 -11.58 19.53
N VAL B 49 -6.14 -12.23 19.94
CA VAL B 49 -7.48 -11.70 19.75
C VAL B 49 -8.04 -11.22 21.10
N PHE B 50 -8.55 -9.99 21.14
CA PHE B 50 -9.22 -9.39 22.28
C PHE B 50 -10.72 -9.21 21.97
N LEU B 51 -11.58 -9.80 22.79
CA LEU B 51 -13.04 -9.73 22.70
C LEU B 51 -13.55 -8.93 23.90
N GLY B 52 -14.66 -8.22 23.74
CA GLY B 52 -15.28 -7.41 24.78
C GLY B 52 -14.59 -6.09 25.07
N LYS B 53 -13.87 -5.52 24.09
CA LYS B 53 -13.18 -4.24 24.28
C LYS B 53 -13.96 -3.04 23.72
N HIS B 54 -13.76 -1.88 24.35
CA HIS B 54 -14.31 -0.58 23.97
C HIS B 54 -13.17 0.46 23.97
N ASN B 55 -12.45 0.56 25.10
CA ASN B 55 -11.33 1.49 25.31
C ASN B 55 -10.05 0.68 25.46
N LEU B 56 -9.14 0.82 24.50
CA LEU B 56 -7.86 0.10 24.52
C LEU B 56 -6.89 0.54 25.61
N GLY B 57 -7.06 1.76 26.13
CA GLY B 57 -6.20 2.34 27.16
C GLY B 57 -6.59 2.04 28.60
N GLN B 58 -7.39 0.97 28.82
CA GLN B 58 -7.83 0.54 30.14
C GLN B 58 -8.27 -0.90 30.11
N GLN B 59 -8.16 -1.60 31.27
CA GLN B 59 -8.59 -2.98 31.40
C GLN B 59 -10.05 -3.02 31.77
N GLU B 60 -10.85 -3.74 31.01
CA GLU B 60 -12.30 -3.80 31.19
C GLU B 60 -12.74 -5.15 31.74
N SER B 61 -13.84 -5.15 32.49
CA SER B 61 -14.39 -6.33 33.16
C SER B 61 -14.97 -7.36 32.20
N SER B 62 -15.41 -6.90 31.04
CA SER B 62 -16.00 -7.76 30.01
C SER B 62 -14.97 -8.41 29.10
N GLN B 63 -13.72 -7.94 29.13
CA GLN B 63 -12.74 -8.38 28.15
C GLN B 63 -12.22 -9.82 28.34
N GLU B 64 -11.81 -10.40 27.22
CA GLU B 64 -11.20 -11.73 27.10
C GLU B 64 -10.13 -11.69 26.01
N GLN B 65 -9.05 -12.41 26.24
CA GLN B 65 -7.90 -12.52 25.36
C GLN B 65 -7.64 -14.00 25.01
N SER B 66 -7.31 -14.28 23.75
CA SER B 66 -7.01 -15.63 23.31
C SER B 66 -6.10 -15.61 22.09
N SER B 67 -5.25 -16.63 22.00
CA SER B 67 -4.37 -16.82 20.85
C SER B 67 -5.09 -17.64 19.76
N VAL B 68 -4.59 -17.54 18.54
CA VAL B 68 -5.13 -18.26 17.39
C VAL B 68 -4.42 -19.62 17.30
N VAL B 69 -5.16 -20.75 17.28
CA VAL B 69 -4.51 -22.06 17.14
C VAL B 69 -4.38 -22.43 15.66
N ARG B 70 -5.31 -21.96 14.83
CA ARG B 70 -5.32 -22.25 13.40
C ARG B 70 -5.87 -21.08 12.61
N ALA B 71 -5.11 -20.65 11.60
CA ALA B 71 -5.44 -19.60 10.66
C ALA B 71 -5.88 -20.26 9.36
N VAL B 72 -7.08 -19.96 8.87
CA VAL B 72 -7.53 -20.54 7.60
C VAL B 72 -7.77 -19.42 6.57
N ILE B 73 -6.77 -19.19 5.72
CA ILE B 73 -6.84 -18.20 4.66
C ILE B 73 -7.62 -18.86 3.52
N HIS B 74 -8.53 -18.11 2.85
CA HIS B 74 -9.28 -18.64 1.71
C HIS B 74 -8.29 -19.17 0.67
N PRO B 75 -8.53 -20.40 0.17
CA PRO B 75 -7.62 -20.99 -0.83
C PRO B 75 -7.31 -20.13 -2.07
N ASP B 76 -8.30 -19.35 -2.56
CA ASP B 76 -8.18 -18.55 -3.78
C ASP B 76 -7.81 -17.07 -3.56
N TYR B 77 -7.20 -16.75 -2.41
CA TYR B 77 -6.78 -15.40 -2.09
C TYR B 77 -5.61 -14.90 -2.95
N ASP B 78 -5.79 -13.73 -3.56
CA ASP B 78 -4.77 -13.02 -4.34
C ASP B 78 -4.50 -11.67 -3.65
N ALA B 79 -3.33 -11.53 -3.00
CA ALA B 79 -2.91 -10.33 -2.26
C ALA B 79 -2.76 -9.10 -3.15
N ALA B 80 -2.13 -9.28 -4.32
CA ALA B 80 -1.90 -8.27 -5.35
C ALA B 80 -3.19 -7.50 -5.71
N SER B 81 -4.30 -8.23 -6.00
CA SER B 81 -5.59 -7.65 -6.36
C SER B 81 -6.61 -7.52 -5.20
N HIS B 82 -6.24 -7.97 -3.98
CA HIS B 82 -7.11 -8.00 -2.77
C HIS B 82 -8.33 -8.92 -3.04
N ASP B 83 -8.22 -9.84 -4.02
CA ASP B 83 -9.36 -10.71 -4.36
C ASP B 83 -9.48 -11.90 -3.42
N GLN B 84 -10.71 -12.16 -2.92
CA GLN B 84 -11.07 -13.24 -1.98
C GLN B 84 -10.35 -13.00 -0.65
N ASP B 85 -10.43 -11.76 -0.17
CA ASP B 85 -9.74 -11.28 1.03
C ASP B 85 -10.52 -11.64 2.28
N ILE B 86 -10.38 -12.89 2.73
CA ILE B 86 -11.13 -13.48 3.85
C ILE B 86 -10.28 -14.54 4.55
N MET B 87 -10.33 -14.55 5.90
CA MET B 87 -9.56 -15.47 6.73
C MET B 87 -10.40 -15.89 7.95
N LEU B 88 -10.33 -17.16 8.33
CA LEU B 88 -11.03 -17.66 9.51
C LEU B 88 -10.03 -17.94 10.61
N LEU B 89 -10.33 -17.47 11.83
CA LEU B 89 -9.43 -17.69 12.96
C LEU B 89 -10.07 -18.58 14.03
N ARG B 90 -9.43 -19.72 14.29
CA ARG B 90 -9.86 -20.71 15.27
C ARG B 90 -9.20 -20.37 16.59
N LEU B 91 -10.00 -19.94 17.57
CA LEU B 91 -9.57 -19.55 18.91
C LEU B 91 -9.02 -20.72 19.71
N ALA B 92 -7.96 -20.47 20.52
CA ALA B 92 -7.37 -21.49 21.40
C ALA B 92 -8.37 -21.86 22.51
N ARG B 93 -9.08 -20.85 23.04
CA ARG B 93 -10.09 -21.00 24.07
C ARG B 93 -11.41 -20.42 23.53
N PRO B 94 -12.56 -21.13 23.71
CA PRO B 94 -13.84 -20.56 23.25
C PRO B 94 -14.23 -19.29 23.99
N ALA B 95 -14.88 -18.38 23.27
CA ALA B 95 -15.36 -17.11 23.81
C ALA B 95 -16.51 -17.39 24.76
N LYS B 96 -16.52 -16.72 25.92
CA LYS B 96 -17.60 -16.83 26.89
C LYS B 96 -18.60 -15.74 26.52
N LEU B 97 -19.80 -16.15 26.10
CA LEU B 97 -20.84 -15.20 25.69
C LEU B 97 -21.45 -14.47 26.89
N SER B 98 -21.76 -13.18 26.68
CA SER B 98 -22.30 -12.24 27.67
C SER B 98 -23.00 -11.10 26.92
N GLU B 99 -23.31 -10.00 27.59
CA GLU B 99 -23.94 -8.83 26.97
C GLU B 99 -22.98 -8.17 25.97
N LEU B 100 -21.68 -8.09 26.30
CA LEU B 100 -20.67 -7.40 25.50
C LEU B 100 -19.77 -8.33 24.65
N ILE B 101 -20.07 -9.64 24.64
CA ILE B 101 -19.42 -10.64 23.79
C ILE B 101 -20.53 -11.49 23.17
N GLN B 102 -20.91 -11.19 21.91
CA GLN B 102 -21.95 -11.90 21.16
C GLN B 102 -21.57 -12.06 19.69
N PRO B 103 -21.80 -13.24 19.06
CA PRO B 103 -21.48 -13.38 17.63
C PRO B 103 -22.42 -12.58 16.72
N LEU B 104 -21.98 -12.28 15.49
CA LEU B 104 -22.84 -11.54 14.56
C LEU B 104 -23.35 -12.48 13.46
N PRO B 105 -24.68 -12.53 13.17
CA PRO B 105 -25.14 -13.40 12.06
C PRO B 105 -24.65 -12.90 10.70
N LEU B 106 -24.31 -13.83 9.81
CA LEU B 106 -23.83 -13.56 8.46
C LEU B 106 -25.00 -13.26 7.51
N GLU B 107 -24.82 -12.29 6.58
CA GLU B 107 -25.83 -12.04 5.56
C GLU B 107 -25.73 -13.18 4.54
N ARG B 108 -26.79 -13.97 4.41
CA ARG B 108 -26.81 -15.10 3.51
C ARG B 108 -27.28 -14.72 2.10
N ASP B 109 -28.09 -13.64 1.99
CA ASP B 109 -28.67 -13.18 0.71
C ASP B 109 -27.87 -12.05 0.04
N CYS B 110 -27.26 -12.36 -1.13
CA CYS B 110 -26.50 -11.40 -1.95
C CYS B 110 -27.40 -10.25 -2.45
N SER B 111 -28.66 -10.59 -2.78
CA SER B 111 -29.70 -9.70 -3.29
C SER B 111 -30.43 -8.86 -2.22
N ALA B 112 -30.00 -8.89 -0.92
CA ALA B 112 -30.59 -8.14 0.21
C ALA B 112 -30.76 -6.65 -0.10
N GLN B 113 -31.93 -6.08 0.24
CA GLN B 113 -32.34 -4.70 -0.09
C GLN B 113 -31.76 -3.57 0.78
N THR B 114 -31.60 -3.74 2.12
CA THR B 114 -31.09 -2.67 3.02
C THR B 114 -29.71 -2.13 2.59
N THR B 115 -29.64 -0.81 2.31
CA THR B 115 -28.40 -0.16 1.88
C THR B 115 -27.83 0.79 2.96
N SER B 116 -28.51 0.89 4.13
CA SER B 116 -28.12 1.69 5.30
C SER B 116 -27.29 0.79 6.22
N CYS B 117 -25.99 1.10 6.32
CA CYS B 117 -25.00 0.30 7.04
C CYS B 117 -24.16 1.11 7.98
N HIS B 118 -23.32 0.41 8.75
CA HIS B 118 -22.35 1.04 9.62
C HIS B 118 -21.05 0.24 9.70
N ILE B 119 -19.96 0.99 9.87
CA ILE B 119 -18.60 0.53 10.04
C ILE B 119 -18.11 0.96 11.40
N LEU B 120 -17.14 0.22 11.94
CA LEU B 120 -16.59 0.44 13.28
C LEU B 120 -15.16 -0.07 13.41
N GLY B 121 -14.37 0.60 14.24
CA GLY B 121 -12.99 0.17 14.48
C GLY B 121 -12.08 1.14 15.18
N TRP B 122 -10.87 0.63 15.50
CA TRP B 122 -9.77 1.34 16.16
C TRP B 122 -8.68 1.88 15.16
N GLY B 123 -9.04 2.02 13.89
CA GLY B 123 -8.14 2.53 12.85
C GLY B 123 -7.89 4.02 12.95
N LYS B 124 -6.93 4.54 12.17
CA LYS B 124 -6.58 5.98 12.13
C LYS B 124 -7.81 6.88 11.99
N THR B 125 -7.83 7.99 12.74
CA THR B 125 -8.92 8.97 12.66
C THR B 125 -8.48 10.15 11.76
N ALA B 126 -9.38 11.12 11.48
CA ALA B 126 -9.15 12.28 10.61
C ALA B 126 -7.84 13.03 10.90
N ASP B 127 -7.45 13.13 12.19
CA ASP B 127 -6.21 13.79 12.64
C ASP B 127 -4.91 12.97 12.43
N GLY B 128 -5.06 11.69 12.05
CA GLY B 128 -3.92 10.80 11.81
C GLY B 128 -3.46 10.01 13.02
N ASP B 129 -4.13 10.21 14.17
CA ASP B 129 -3.87 9.51 15.42
C ASP B 129 -4.67 8.20 15.46
N PHE B 130 -4.25 7.25 16.32
CA PHE B 130 -5.01 6.02 16.54
C PHE B 130 -5.86 6.25 17.81
N PRO B 131 -7.18 5.99 17.77
CA PRO B 131 -8.01 6.28 18.95
C PRO B 131 -8.01 5.14 19.98
N ASP B 132 -8.13 5.51 21.25
CA ASP B 132 -8.20 4.51 22.33
C ASP B 132 -9.61 3.94 22.34
N THR B 133 -10.61 4.79 22.12
CA THR B 133 -12.03 4.45 22.08
C THR B 133 -12.44 4.11 20.66
N ILE B 134 -13.13 2.94 20.51
CA ILE B 134 -13.65 2.44 19.23
C ILE B 134 -14.56 3.49 18.52
N GLN B 135 -14.35 3.66 17.21
CA GLN B 135 -15.09 4.62 16.37
C GLN B 135 -16.13 3.93 15.51
N CYS B 136 -17.28 4.61 15.29
CA CYS B 136 -18.44 4.19 14.51
C CYS B 136 -18.83 5.29 13.51
N ALA B 137 -19.53 4.89 12.44
CA ALA B 137 -20.06 5.78 11.39
C ALA B 137 -21.08 5.07 10.52
N TYR B 138 -22.11 5.81 10.09
CA TYR B 138 -23.15 5.33 9.17
C TYR B 138 -22.72 5.64 7.74
N ILE B 139 -22.78 4.61 6.88
CA ILE B 139 -22.42 4.71 5.46
C ILE B 139 -23.44 3.96 4.60
N HIS B 140 -23.46 4.28 3.32
CA HIS B 140 -24.40 3.66 2.41
C HIS B 140 -23.71 2.83 1.37
N LEU B 141 -24.34 1.69 1.04
CA LEU B 141 -23.91 0.75 0.02
C LEU B 141 -24.04 1.45 -1.32
N VAL B 142 -23.10 1.19 -2.19
CA VAL B 142 -23.00 1.81 -3.52
C VAL B 142 -23.23 0.73 -4.58
N SER B 143 -23.97 1.05 -5.66
CA SER B 143 -24.20 0.14 -6.79
C SER B 143 -22.87 -0.34 -7.36
N ARG B 144 -22.83 -1.59 -7.84
CA ARG B 144 -21.63 -2.20 -8.45
C ARG B 144 -21.14 -1.39 -9.65
N GLU B 145 -22.08 -0.81 -10.43
CA GLU B 145 -21.79 0.03 -11.59
C GLU B 145 -20.90 1.23 -11.23
N GLU B 146 -21.29 1.95 -10.15
CA GLU B 146 -20.60 3.12 -9.58
C GLU B 146 -19.25 2.72 -8.97
N CYS B 147 -19.22 1.58 -8.30
CA CYS B 147 -18.10 0.91 -7.62
C CYS B 147 -17.01 0.61 -8.70
N GLU B 148 -17.40 0.01 -9.84
CA GLU B 148 -16.54 -0.27 -11.00
C GLU B 148 -16.06 1.03 -11.69
N HIS B 149 -16.88 2.09 -11.70
CA HIS B 149 -16.50 3.37 -12.31
C HIS B 149 -15.40 4.11 -11.49
N ALA B 150 -15.38 3.90 -10.17
CA ALA B 150 -14.42 4.51 -9.28
C ALA B 150 -13.03 3.81 -9.43
N TYR B 151 -13.02 2.46 -9.64
CA TYR B 151 -11.81 1.64 -9.80
C TYR B 151 -11.92 0.75 -11.05
N PRO B 152 -11.73 1.29 -12.30
CA PRO B 152 -11.83 0.44 -13.50
C PRO B 152 -10.87 -0.76 -13.51
N GLY B 153 -11.41 -1.95 -13.82
CA GLY B 153 -10.68 -3.20 -13.87
C GLY B 153 -10.26 -3.84 -12.55
N GLN B 154 -10.72 -3.30 -11.39
CA GLN B 154 -10.28 -3.79 -10.06
C GLN B 154 -11.37 -4.49 -9.23
N ILE B 155 -12.64 -4.24 -9.53
CA ILE B 155 -13.75 -4.73 -8.74
C ILE B 155 -14.31 -6.06 -9.27
N THR B 156 -14.17 -7.14 -8.46
CA THR B 156 -14.70 -8.48 -8.76
C THR B 156 -16.06 -8.66 -8.08
N GLN B 157 -16.74 -9.81 -8.34
CA GLN B 157 -18.02 -10.15 -7.72
C GLN B 157 -17.82 -10.46 -6.21
N ASN B 158 -16.56 -10.70 -5.79
CA ASN B 158 -16.17 -10.97 -4.40
C ASN B 158 -15.93 -9.67 -3.59
N MET B 159 -16.44 -8.51 -4.08
CA MET B 159 -16.27 -7.19 -3.49
C MET B 159 -17.56 -6.36 -3.56
N LEU B 160 -17.82 -5.54 -2.54
CA LEU B 160 -18.90 -4.55 -2.56
C LEU B 160 -18.33 -3.20 -2.10
N CYS B 161 -18.96 -2.10 -2.52
CA CYS B 161 -18.49 -0.75 -2.18
C CYS B 161 -19.53 -0.10 -1.28
N ALA B 162 -19.09 0.88 -0.48
CA ALA B 162 -19.91 1.66 0.44
C ALA B 162 -19.21 2.98 0.72
N GLY B 163 -19.97 4.04 0.81
CA GLY B 163 -19.42 5.37 1.06
C GLY B 163 -20.41 6.35 1.62
N ASP B 164 -19.95 7.59 1.76
CA ASP B 164 -20.73 8.71 2.27
C ASP B 164 -20.28 9.95 1.51
N GLU B 165 -21.06 10.38 0.51
CA GLU B 165 -20.71 11.54 -0.33
C GLU B 165 -20.71 12.89 0.44
N LYS B 166 -21.43 12.94 1.58
CA LYS B 166 -21.56 14.15 2.40
C LYS B 166 -20.28 14.47 3.22
N TYR B 167 -19.91 13.63 4.22
CA TYR B 167 -18.74 13.88 5.08
C TYR B 167 -17.49 13.06 4.70
N GLY B 168 -17.64 12.11 3.79
CA GLY B 168 -16.54 11.24 3.38
C GLY B 168 -16.21 10.18 4.41
N LYS B 169 -17.23 9.77 5.25
CA LYS B 169 -17.06 8.72 6.27
C LYS B 169 -16.52 7.45 5.60
N ASP B 170 -15.38 6.95 6.11
CA ASP B 170 -14.68 5.82 5.50
C ASP B 170 -13.81 5.11 6.52
N SER B 171 -13.44 3.86 6.25
N SER B 171 -13.41 3.87 6.21
CA SER B 171 -12.53 3.09 7.11
CA SER B 171 -12.50 3.06 7.04
C SER B 171 -11.09 3.52 6.74
C SER B 171 -11.08 3.52 6.71
N CYS B 172 -10.10 3.21 7.59
CA CYS B 172 -8.71 3.64 7.39
C CYS B 172 -7.66 2.61 7.87
N GLN B 173 -6.36 3.00 8.00
CA GLN B 173 -5.28 2.11 8.44
C GLN B 173 -5.58 1.60 9.84
N GLY B 174 -5.59 0.28 9.98
CA GLY B 174 -5.89 -0.40 11.24
C GLY B 174 -7.32 -0.90 11.32
N ASP B 175 -8.17 -0.62 10.30
CA ASP B 175 -9.56 -1.11 10.31
C ASP B 175 -9.80 -2.40 9.51
N SER B 176 -8.79 -2.92 8.74
CA SER B 176 -8.97 -4.17 7.96
C SER B 176 -9.55 -5.29 8.78
N GLY B 177 -10.42 -6.08 8.15
CA GLY B 177 -11.06 -7.24 8.78
C GLY B 177 -12.30 -6.90 9.58
N GLY B 178 -12.47 -5.61 9.89
CA GLY B 178 -13.61 -5.07 10.62
C GLY B 178 -14.92 -5.24 9.88
N PRO B 179 -16.08 -5.18 10.59
CA PRO B 179 -17.36 -5.42 9.92
C PRO B 179 -18.05 -4.25 9.25
N LEU B 180 -18.83 -4.57 8.21
CA LEU B 180 -19.73 -3.67 7.49
C LEU B 180 -21.06 -4.35 7.84
N VAL B 181 -21.87 -3.69 8.67
CA VAL B 181 -23.08 -4.28 9.21
C VAL B 181 -24.31 -3.63 8.60
N CYS B 182 -25.18 -4.45 7.98
CA CYS B 182 -26.40 -3.95 7.36
C CYS B 182 -27.56 -4.78 7.85
N GLY B 183 -28.54 -4.10 8.44
CA GLY B 183 -29.73 -4.73 9.02
C GLY B 183 -29.42 -5.80 10.05
N ASP B 184 -28.49 -5.50 10.98
CA ASP B 184 -28.04 -6.39 12.07
C ASP B 184 -27.34 -7.66 11.58
N HIS B 185 -26.83 -7.65 10.34
CA HIS B 185 -26.10 -8.79 9.76
C HIS B 185 -24.75 -8.40 9.17
N LEU B 186 -23.81 -9.34 9.17
CA LEU B 186 -22.48 -9.13 8.59
C LEU B 186 -22.56 -9.11 7.06
N ARG B 187 -22.47 -7.90 6.47
CA ARG B 187 -22.53 -7.72 5.02
C ARG B 187 -21.14 -7.78 4.33
N GLY B 188 -20.14 -7.13 4.91
CA GLY B 188 -18.80 -7.06 4.37
C GLY B 188 -17.70 -6.97 5.41
N LEU B 189 -16.43 -7.05 4.96
CA LEU B 189 -15.24 -6.92 5.79
C LEU B 189 -14.38 -5.83 5.18
N VAL B 190 -13.77 -4.96 6.03
CA VAL B 190 -12.89 -3.88 5.57
C VAL B 190 -11.68 -4.50 4.85
N SER B 191 -11.46 -4.11 3.57
CA SER B 191 -10.37 -4.68 2.76
C SER B 191 -9.39 -3.62 2.17
N TRP B 192 -9.89 -2.69 1.35
CA TRP B 192 -9.07 -1.65 0.72
C TRP B 192 -9.92 -0.46 0.31
N GLY B 193 -9.27 0.58 -0.19
CA GLY B 193 -9.93 1.80 -0.64
C GLY B 193 -8.97 2.85 -1.14
N ASN B 194 -9.40 4.11 -1.04
CA ASN B 194 -8.67 5.27 -1.51
C ASN B 194 -7.75 5.87 -0.46
N ILE B 195 -6.60 6.40 -0.94
CA ILE B 195 -5.61 7.11 -0.12
C ILE B 195 -5.53 8.60 -0.61
N PRO B 196 -5.63 9.59 0.32
CA PRO B 196 -5.84 9.44 1.78
C PRO B 196 -7.25 8.87 2.03
N CYS B 197 -7.48 8.31 3.23
CA CYS B 197 -8.79 7.76 3.62
C CYS B 197 -9.88 8.87 3.50
N GLY B 198 -11.07 8.48 3.06
CA GLY B 198 -12.19 9.39 2.84
C GLY B 198 -12.96 8.90 1.64
N SER B 199 -14.32 8.87 1.71
CA SER B 199 -15.16 8.32 0.64
C SER B 199 -16.03 9.32 -0.16
N LYS B 200 -15.70 10.63 -0.11
CA LYS B 200 -16.43 11.69 -0.85
C LYS B 200 -16.37 11.48 -2.37
N GLU B 201 -15.22 11.01 -2.88
CA GLU B 201 -14.96 10.77 -4.30
C GLU B 201 -14.97 9.29 -4.64
N LYS B 202 -14.22 8.46 -3.90
CA LYS B 202 -14.17 7.02 -4.17
C LYS B 202 -14.54 6.21 -2.93
N PRO B 203 -15.47 5.25 -3.03
CA PRO B 203 -15.88 4.50 -1.84
C PRO B 203 -14.87 3.47 -1.34
N GLY B 204 -15.08 3.01 -0.11
CA GLY B 204 -14.28 1.95 0.47
C GLY B 204 -14.68 0.65 -0.16
N VAL B 205 -13.73 -0.27 -0.33
CA VAL B 205 -13.94 -1.57 -0.93
C VAL B 205 -13.94 -2.66 0.14
N TYR B 206 -14.98 -3.50 0.13
CA TYR B 206 -15.21 -4.52 1.16
C TYR B 206 -15.37 -5.91 0.55
N THR B 207 -14.92 -6.96 1.24
CA THR B 207 -15.10 -8.38 0.86
C THR B 207 -16.59 -8.73 1.01
N ASN B 208 -17.22 -9.23 -0.08
CA ASN B 208 -18.63 -9.60 -0.14
C ASN B 208 -18.85 -10.94 0.59
N VAL B 209 -19.20 -10.85 1.87
CA VAL B 209 -19.39 -11.99 2.79
C VAL B 209 -20.50 -12.98 2.29
N CYS B 210 -21.58 -12.50 1.62
CA CYS B 210 -22.68 -13.34 1.10
C CYS B 210 -22.19 -14.52 0.25
N ARG B 211 -21.04 -14.35 -0.43
CA ARG B 211 -20.37 -15.32 -1.31
C ARG B 211 -19.64 -16.47 -0.60
N TYR B 212 -19.36 -16.35 0.70
CA TYR B 212 -18.55 -17.34 1.43
C TYR B 212 -19.34 -18.21 2.43
N THR B 213 -20.67 -18.21 2.29
CA THR B 213 -21.62 -18.98 3.09
C THR B 213 -21.20 -20.47 3.25
N ASN B 214 -20.95 -21.17 2.12
CA ASN B 214 -20.56 -22.58 2.12
C ASN B 214 -19.13 -22.84 2.62
N TRP B 215 -18.16 -21.99 2.24
CA TRP B 215 -16.76 -22.13 2.70
C TRP B 215 -16.64 -21.96 4.22
N ILE B 216 -17.35 -20.99 4.80
CA ILE B 216 -17.36 -20.75 6.25
C ILE B 216 -17.93 -21.97 6.98
N GLN B 217 -19.14 -22.39 6.57
CA GLN B 217 -19.85 -23.56 7.09
C GLN B 217 -18.99 -24.82 7.00
N LYS B 218 -18.41 -25.07 5.82
CA LYS B 218 -17.54 -26.24 5.58
C LYS B 218 -16.29 -26.27 6.48
N THR B 219 -15.62 -25.11 6.70
CA THR B 219 -14.42 -24.98 7.57
C THR B 219 -14.75 -25.28 9.08
N ILE B 220 -15.86 -24.72 9.60
CA ILE B 220 -16.31 -24.87 10.98
C ILE B 220 -16.66 -26.35 11.31
N GLN B 221 -17.48 -27.04 10.46
CA GLN B 221 -17.85 -28.44 10.71
C GLN B 221 -16.78 -29.44 10.26
UNK UNX C . -4.32 -3.61 1.02
C10 J2N D . 14.69 -3.14 -6.75
C15 J2N D . 11.47 -4.76 -6.14
C17 J2N D . 10.17 -4.32 -6.82
C22 J2N D . 7.93 -4.91 -7.80
N01 J2N D . 18.66 -4.89 -4.62
C04 J2N D . 18.13 -3.99 -5.47
N05 J2N D . 18.89 -3.05 -5.95
C07 J2N D . 16.68 -4.08 -5.76
C08 J2N D . 16.04 -3.07 -6.47
C12 J2N D . 13.94 -4.24 -6.32
N13 J2N D . 12.56 -4.17 -6.68
O16 J2N D . 11.49 -5.61 -5.24
C19 J2N D . 9.04 -5.37 -6.85
C25 J2N D . 7.42 -3.54 -7.39
N28 J2N D . 8.39 -2.70 -6.66
C30 J2N D . 9.66 -2.99 -6.32
O31 J2N D . 10.36 -2.18 -5.70
C32 J2N D . 14.58 -5.26 -5.60
C34 J2N D . 15.93 -5.17 -5.33
C10 J3B E . 14.59 -3.11 -6.73
C12 J3B E . 13.86 -4.23 -6.32
C15 J3B E . 11.47 -4.89 -5.96
N01 J3B E . 18.60 -4.89 -4.69
C04 J3B E . 18.06 -3.98 -5.52
N05 J3B E . 18.82 -3.05 -5.99
C07 J3B E . 16.61 -4.07 -5.79
C08 J3B E . 15.96 -3.05 -6.48
N13 J3B E . 12.45 -4.15 -6.54
O16 J3B E . 11.69 -5.83 -5.18
C17 J3B E . 10.04 -4.50 -6.30
C19 J3B E . 9.32 -5.35 -7.37
C22 J3B E . 7.82 -5.05 -7.35
C25 J3B E . 7.57 -3.55 -7.53
N28 J3B E . 8.52 -2.69 -6.80
C30 J3B E . 9.71 -3.02 -6.26
O31 J3B E . 10.42 -2.18 -5.70
C32 J3B E . 14.51 -5.24 -5.60
C34 J3B E . 15.87 -5.16 -5.35
C1 GOL F . -5.30 -3.71 24.83
O1 GOL F . -5.96 -2.91 25.80
C2 GOL F . -3.99 -4.24 25.38
O2 GOL F . -3.22 -3.15 25.90
C3 GOL F . -3.20 -4.95 24.31
O3 GOL F . -2.02 -5.52 24.84
C10 J2N G . -8.50 -0.65 4.62
C15 J2N G . -5.03 -1.16 5.71
C17 J2N G . -4.51 -2.45 6.31
C22 J2N G . -2.59 -4.05 6.65
N01 J2N G . -11.33 2.13 3.04
C04 J2N G . -10.07 2.39 3.07
N05 J2N G . -9.62 3.53 2.52
C07 J2N G . -9.07 1.50 3.68
C08 J2N G . -9.43 0.20 4.05
C12 J2N G . -7.20 -0.22 4.86
N13 J2N G . -6.36 -1.20 5.42
O16 J2N G . -4.32 -0.15 5.60
C19 J2N G . -3.00 -2.68 6.10
C25 J2N G . -2.94 -4.16 8.13
N28 J2N G . -4.14 -3.39 8.52
C30 J2N G . -4.90 -2.56 7.78
O31 J2N G . -5.87 -1.98 8.27
C32 J2N G . -6.84 1.07 4.49
C34 J2N G . -7.76 1.92 3.91
C10 J3B H . -8.39 -0.76 4.69
C12 J3B H . -7.09 -0.30 4.89
C15 J3B H . -4.85 -0.87 5.77
N01 J3B H . -11.31 1.99 3.12
C04 J3B H . -10.04 2.24 3.11
N05 J3B H . -9.62 3.37 2.53
C07 J3B H . -9.03 1.36 3.72
C08 J3B H . -9.35 0.06 4.10
N13 J3B H . -6.16 -1.15 5.54
O16 J3B H . -4.30 0.17 5.44
C17 J3B H . -4.09 -1.92 6.61
C19 J3B H . -3.36 -3.00 5.79
C22 J3B H . -2.38 -3.76 6.70
C25 J3B H . -3.10 -4.31 7.92
N28 J3B H . -4.30 -3.56 8.34
C30 J3B H . -4.86 -2.48 7.79
O31 J3B H . -5.88 -1.95 8.24
C32 J3B H . -6.78 1.01 4.53
C34 J3B H . -7.73 1.82 3.94
#